data_2J64
#
_entry.id   2J64
#
_cell.length_a   62.122
_cell.length_b   62.122
_cell.length_c   346.284
_cell.angle_alpha   90.00
_cell.angle_beta   90.00
_cell.angle_gamma   90.00
#
_symmetry.space_group_name_H-M   'P 41 21 2'
#
loop_
_entity.id
_entity.type
_entity.pdbx_description
1 polymer FICOLIN-3
2 non-polymer 'CALCIUM ION'
3 water water
#
_entity_poly.entity_id   1
_entity_poly.type   'polypeptide(L)'
_entity_poly.pdbx_seq_one_letter_code
;DLVNLLRCQEGPRNCRELLSQGATLSGWYHLCLPEGRALPVFCDMDTEGGGWLVFQRRQDGSVDFFRSWSSYRAGFGNQE
SEFWLGNENLHQLTLQGNWELRVELEDFNGNRTFAHYATFRLLGEVDHYQLALGKFSEGTAGDSLSLHSGRPFTTYDADH
DSSNSNCAVIVHGAWWYASCYRSNLNGRYAVSEAAAHKYGIDWASGRGVGHPYRRVRMMLR
;
_entity_poly.pdbx_strand_id   A,B,C
#
loop_
_chem_comp.id
_chem_comp.type
_chem_comp.name
_chem_comp.formula
CA non-polymer 'CALCIUM ION' 'Ca 2'
#
# COMPACT_ATOMS: atom_id res chain seq x y z
N GLY A 11 15.44 6.20 16.40
CA GLY A 11 15.52 5.81 14.95
C GLY A 11 16.23 6.84 14.10
N PRO A 12 16.01 6.79 12.77
CA PRO A 12 16.73 7.61 11.81
C PRO A 12 16.13 8.99 11.63
N ARG A 13 16.97 9.95 11.25
CA ARG A 13 16.56 11.34 11.17
C ARG A 13 15.94 11.73 9.83
N ASN A 14 16.13 10.88 8.82
CA ASN A 14 15.74 11.21 7.45
C ASN A 14 15.86 9.98 6.53
N CYS A 15 15.45 10.13 5.27
CA CYS A 15 15.41 8.99 4.35
C CYS A 15 16.79 8.59 3.84
N ARG A 16 17.71 9.56 3.76
CA ARG A 16 19.09 9.29 3.35
C ARG A 16 19.74 8.30 4.28
N GLU A 17 19.46 8.43 5.57
CA GLU A 17 20.04 7.58 6.58
C GLU A 17 19.44 6.17 6.54
N LEU A 18 18.14 6.08 6.29
CA LEU A 18 17.52 4.78 6.09
C LEU A 18 18.15 4.08 4.88
N LEU A 19 18.38 4.83 3.80
CA LEU A 19 18.95 4.27 2.59
C LEU A 19 20.36 3.73 2.85
N SER A 20 21.20 4.54 3.50
CA SER A 20 22.56 4.12 3.88
C SER A 20 22.59 2.84 4.70
N GLN A 21 21.61 2.67 5.58
CA GLN A 21 21.56 1.47 6.38
C GLN A 21 20.95 0.28 5.62
N GLY A 22 20.67 0.48 4.34
CA GLY A 22 20.21 -0.61 3.48
C GLY A 22 18.70 -0.72 3.31
N ALA A 23 17.96 0.35 3.61
CA ALA A 23 16.54 0.40 3.27
C ALA A 23 16.40 0.93 1.85
N THR A 24 16.40 0.00 0.91
CA THR A 24 16.52 0.34 -0.50
C THR A 24 15.19 0.36 -1.25
N LEU A 25 14.09 -0.02 -0.59
CA LEU A 25 12.79 -0.02 -1.25
C LEU A 25 11.94 1.21 -0.85
N SER A 26 11.41 1.94 -1.83
CA SER A 26 10.54 3.05 -1.52
C SER A 26 9.34 2.57 -0.70
N GLY A 27 8.95 3.34 0.29
CA GLY A 27 7.80 2.94 1.11
C GLY A 27 7.67 3.73 2.40
N TRP A 28 6.81 3.25 3.28
CA TRP A 28 6.53 4.01 4.51
C TRP A 28 7.49 3.61 5.61
N TYR A 29 8.15 4.60 6.19
CA TYR A 29 9.12 4.36 7.24
C TYR A 29 8.92 5.33 8.40
N HIS A 30 9.34 4.94 9.58
CA HIS A 30 9.32 5.87 10.70
C HIS A 30 10.60 6.70 10.81
N LEU A 31 10.44 8.00 10.99
CA LEU A 31 11.56 8.86 11.35
C LEU A 31 11.43 9.19 12.83
N CYS A 32 12.55 9.42 13.49
CA CYS A 32 12.49 9.97 14.84
C CYS A 32 12.83 11.46 14.78
N LEU A 33 11.80 12.27 14.93
CA LEU A 33 11.93 13.72 14.94
C LEU A 33 12.84 14.22 16.06
N PRO A 34 13.45 15.40 15.87
CA PRO A 34 14.31 16.01 16.87
C PRO A 34 13.71 16.04 18.28
N GLU A 35 12.39 16.24 18.40
CA GLU A 35 11.75 16.28 19.73
C GLU A 35 11.47 14.89 20.31
N GLY A 36 11.95 13.84 19.65
CA GLY A 36 11.77 12.47 20.16
C GLY A 36 10.39 11.88 19.89
N ARG A 37 9.78 12.28 18.78
CA ARG A 37 8.50 11.72 18.35
C ARG A 37 8.69 10.98 17.02
N ALA A 38 7.97 9.86 16.85
CA ALA A 38 8.11 9.04 15.66
C ALA A 38 7.07 9.45 14.65
N LEU A 39 7.48 9.51 13.38
CA LEU A 39 6.58 9.95 12.33
C LEU A 39 6.68 9.04 11.11
N PRO A 40 5.56 8.43 10.70
CA PRO A 40 5.52 7.68 9.44
C PRO A 40 5.68 8.65 8.27
N VAL A 41 6.68 8.40 7.43
CA VAL A 41 6.88 9.15 6.19
C VAL A 41 7.12 8.19 5.03
N PHE A 42 6.75 8.62 3.82
CA PHE A 42 7.14 7.93 2.61
C PHE A 42 8.53 8.34 2.13
N CYS A 43 9.42 7.37 2.01
CA CYS A 43 10.77 7.59 1.49
C CYS A 43 10.85 7.04 0.06
N ASP A 44 11.29 7.88 -0.87
CA ASP A 44 11.53 7.41 -2.22
C ASP A 44 13.00 7.05 -2.26
N MET A 45 13.29 5.75 -2.35
CA MET A 45 14.66 5.24 -2.37
C MET A 45 15.20 4.98 -3.80
N ASP A 46 14.44 5.35 -4.80
CA ASP A 46 14.69 4.95 -6.19
C ASP A 46 15.04 6.22 -6.98
N THR A 47 14.18 7.22 -6.98
CA THR A 47 14.34 8.31 -7.94
C THR A 47 15.49 9.27 -7.63
N GLU A 48 16.36 9.46 -8.62
CA GLU A 48 17.47 10.42 -8.55
C GLU A 48 18.47 10.17 -7.44
N GLY A 49 18.89 8.93 -7.25
CA GLY A 49 19.79 8.62 -6.15
C GLY A 49 19.07 8.07 -4.94
N GLY A 50 17.79 8.43 -4.77
CA GLY A 50 16.99 7.97 -3.65
C GLY A 50 17.24 8.80 -2.41
N GLY A 51 16.48 8.53 -1.34
CA GLY A 51 16.67 9.24 -0.08
C GLY A 51 15.74 10.46 0.07
N TRP A 52 14.70 10.50 -0.76
CA TRP A 52 13.73 11.58 -0.78
C TRP A 52 12.56 11.33 0.15
N LEU A 53 12.23 12.33 0.95
CA LEU A 53 11.07 12.28 1.81
C LEU A 53 9.92 12.93 1.06
N VAL A 54 8.92 12.14 0.68
CA VAL A 54 7.79 12.68 -0.03
C VAL A 54 6.74 13.20 0.96
N PHE A 55 6.49 14.51 0.93
CA PHE A 55 5.56 15.12 1.91
C PHE A 55 4.20 15.53 1.33
N GLN A 56 4.08 15.49 0.00
CA GLN A 56 2.83 15.75 -0.67
C GLN A 56 2.80 14.89 -1.93
N ARG A 57 1.59 14.50 -2.33
CA ARG A 57 1.42 13.66 -3.49
C ARG A 57 -0.02 13.78 -3.95
N ARG A 58 -0.23 14.00 -5.25
CA ARG A 58 -1.54 14.05 -5.90
C ARG A 58 -1.56 13.10 -7.07
N GLN A 59 -2.59 12.25 -7.17
CA GLN A 59 -2.61 11.34 -8.31
C GLN A 59 -4.00 10.83 -8.77
N ASP A 60 -5.07 11.08 -8.02
CA ASP A 60 -6.37 10.57 -8.44
C ASP A 60 -7.58 11.34 -7.94
N GLY A 61 -7.37 12.35 -7.10
CA GLY A 61 -8.50 13.06 -6.52
C GLY A 61 -9.30 12.32 -5.45
N SER A 62 -8.73 11.27 -4.85
CA SER A 62 -9.47 10.56 -3.80
C SER A 62 -9.48 11.33 -2.48
N VAL A 63 -8.54 12.25 -2.33
CA VAL A 63 -8.44 12.97 -1.06
C VAL A 63 -8.80 14.44 -1.29
N ASP A 64 -9.59 14.99 -0.37
CA ASP A 64 -10.00 16.39 -0.39
C ASP A 64 -8.88 17.25 0.19
N PHE A 65 -8.37 18.19 -0.60
CA PHE A 65 -7.27 19.04 -0.13
C PHE A 65 -7.73 20.41 0.37
N PHE A 66 -9.03 20.70 0.23
CA PHE A 66 -9.58 21.96 0.69
C PHE A 66 -9.89 21.88 2.19
N ARG A 67 -8.85 22.01 3.01
CA ARG A 67 -8.94 21.70 4.43
C ARG A 67 -8.48 22.90 5.27
N SER A 68 -8.78 22.82 6.56
CA SER A 68 -8.54 23.91 7.50
C SER A 68 -7.10 23.98 7.99
N TRP A 69 -6.85 25.01 8.79
CA TRP A 69 -5.55 25.26 9.38
C TRP A 69 -5.01 24.08 10.20
N SER A 70 -5.88 23.50 11.04
CA SER A 70 -5.47 22.40 11.91
C SER A 70 -5.13 21.15 11.10
N SER A 71 -5.95 20.87 10.08
CA SER A 71 -5.73 19.74 9.18
C SER A 71 -4.39 19.82 8.45
N TYR A 72 -4.11 20.99 7.86
CA TYR A 72 -2.84 21.20 7.18
C TYR A 72 -1.69 21.20 8.17
N ARG A 73 -1.97 21.61 9.41
CA ARG A 73 -0.93 21.66 10.41
C ARG A 73 -0.52 20.24 10.80
N ALA A 74 -1.53 19.36 10.90
CA ALA A 74 -1.30 18.03 11.47
C ALA A 74 -1.05 16.99 10.39
N GLY A 75 -1.44 17.33 9.16
CA GLY A 75 -1.35 16.44 8.01
C GLY A 75 -2.65 15.67 7.82
N PHE A 76 -2.86 15.12 6.62
CA PHE A 76 -4.08 14.38 6.30
C PHE A 76 -3.93 13.60 5.00
N GLY A 77 -4.83 12.62 4.80
CA GLY A 77 -4.84 11.82 3.58
C GLY A 77 -4.64 10.33 3.82
N ASN A 78 -4.26 9.63 2.76
CA ASN A 78 -4.08 8.18 2.80
C ASN A 78 -2.69 7.76 2.35
N GLN A 79 -2.03 6.95 3.19
CA GLN A 79 -0.72 6.40 2.87
C GLN A 79 -0.65 5.68 1.51
N GLU A 80 -1.74 5.02 1.11
CA GLU A 80 -1.80 4.34 -0.19
C GLU A 80 -1.89 5.31 -1.36
N SER A 81 -2.28 6.56 -1.12
CA SER A 81 -2.59 7.42 -2.27
C SER A 81 -2.20 8.91 -2.23
N GLU A 82 -3.03 9.74 -1.60
CA GLU A 82 -2.74 11.19 -1.64
C GLU A 82 -2.66 11.64 -0.19
N PHE A 83 -1.75 12.59 0.08
CA PHE A 83 -1.57 13.11 1.43
C PHE A 83 -0.81 14.45 1.47
N TRP A 84 -0.93 15.12 2.62
CA TRP A 84 -0.07 16.21 2.99
C TRP A 84 0.48 15.82 4.35
N LEU A 85 1.80 15.72 4.48
CA LEU A 85 2.44 15.23 5.72
C LEU A 85 2.11 16.07 6.98
N GLY A 86 1.94 17.38 6.78
CA GLY A 86 1.60 18.28 7.87
C GLY A 86 2.63 19.37 8.06
N ASN A 87 2.15 20.62 8.20
CA ASN A 87 3.04 21.78 8.36
C ASN A 87 3.94 21.70 9.57
N GLU A 88 3.40 21.20 10.69
CA GLU A 88 4.19 21.16 11.93
C GLU A 88 5.31 20.13 11.82
N ASN A 89 5.01 19.00 11.18
CA ASN A 89 6.05 18.01 10.85
C ASN A 89 7.13 18.59 9.94
N LEU A 90 6.71 19.34 8.93
CA LEU A 90 7.66 19.93 7.99
C LEU A 90 8.50 20.97 8.70
N HIS A 91 7.87 21.75 9.58
CA HIS A 91 8.59 22.73 10.39
C HIS A 91 9.61 22.06 11.30
N GLN A 92 9.20 21.00 11.99
CA GLN A 92 10.13 20.27 12.88
C GLN A 92 11.29 19.59 12.12
N LEU A 93 10.98 18.92 11.02
CA LEU A 93 12.01 18.32 10.19
C LEU A 93 13.00 19.36 9.65
N THR A 94 12.48 20.50 9.21
CA THR A 94 13.35 21.45 8.55
C THR A 94 14.04 22.44 9.51
N LEU A 95 13.89 22.22 10.82
CA LEU A 95 14.54 23.08 11.82
C LEU A 95 16.05 23.06 11.64
N GLN A 96 16.59 21.85 11.52
CA GLN A 96 18.01 21.62 11.33
C GLN A 96 18.27 20.89 10.02
N GLY A 97 19.48 21.04 9.50
CA GLY A 97 19.88 20.35 8.28
C GLY A 97 19.54 21.18 7.05
N ASN A 98 20.06 20.78 5.90
CA ASN A 98 19.67 21.45 4.67
C ASN A 98 18.90 20.50 3.77
N TRP A 99 17.68 20.88 3.41
CA TRP A 99 16.80 19.99 2.66
C TRP A 99 16.48 20.57 1.31
N GLU A 100 16.90 19.89 0.25
CA GLU A 100 16.57 20.34 -1.10
C GLU A 100 15.14 19.96 -1.46
N LEU A 101 14.44 20.84 -2.15
CA LEU A 101 13.12 20.54 -2.62
C LEU A 101 13.12 20.13 -4.09
N ARG A 102 12.47 19.00 -4.36
CA ARG A 102 12.16 18.56 -5.70
C ARG A 102 10.67 18.50 -5.86
N VAL A 103 10.16 19.21 -6.86
CA VAL A 103 8.78 19.08 -7.28
C VAL A 103 8.72 18.23 -8.56
N GLU A 104 7.79 17.27 -8.60
CA GLU A 104 7.58 16.44 -9.79
C GLU A 104 6.15 16.62 -10.26
N LEU A 105 6.00 16.84 -11.55
CA LEU A 105 4.70 17.11 -12.14
C LEU A 105 4.51 16.23 -13.36
N GLU A 106 3.30 15.77 -13.58
CA GLU A 106 3.01 14.92 -14.73
C GLU A 106 1.66 15.31 -15.31
N ASP A 107 1.65 15.62 -16.61
CA ASP A 107 0.38 15.98 -17.27
C ASP A 107 -0.41 14.73 -17.68
N PHE A 108 -1.54 14.93 -18.36
CA PHE A 108 -2.41 13.81 -18.73
C PHE A 108 -1.86 12.94 -19.86
N ASN A 109 -0.65 13.27 -20.33
CA ASN A 109 0.02 12.48 -21.36
C ASN A 109 1.17 11.67 -20.80
N GLY A 110 1.47 11.84 -19.52
CA GLY A 110 2.54 11.09 -18.89
C GLY A 110 3.90 11.77 -19.03
N ASN A 111 3.91 12.97 -19.62
CA ASN A 111 5.12 13.77 -19.71
C ASN A 111 5.48 14.33 -18.34
N ARG A 112 6.69 14.05 -17.88
CA ARG A 112 7.11 14.43 -16.55
C ARG A 112 8.02 15.66 -16.62
N THR A 113 7.74 16.67 -15.79
CA THR A 113 8.61 17.84 -15.66
C THR A 113 8.94 18.06 -14.19
N PHE A 114 9.97 18.86 -13.91
CA PHE A 114 10.51 18.99 -12.55
C PHE A 114 10.98 20.41 -12.20
N ALA A 115 11.26 20.60 -10.91
CA ALA A 115 11.75 21.87 -10.41
C ALA A 115 12.50 21.60 -9.11
N HIS A 116 13.71 22.12 -9.02
CA HIS A 116 14.57 21.84 -7.90
C HIS A 116 14.99 23.14 -7.22
N TYR A 117 14.86 23.21 -5.89
CA TYR A 117 15.31 24.37 -5.10
C TYR A 117 16.31 23.94 -4.05
N ALA A 118 17.35 24.76 -3.85
CA ALA A 118 18.49 24.39 -3.00
C ALA A 118 18.12 24.06 -1.53
N THR A 119 17.25 24.85 -0.91
CA THR A 119 16.75 24.52 0.42
C THR A 119 15.26 24.76 0.56
N PHE A 120 14.65 24.11 1.54
CA PHE A 120 13.25 24.29 1.87
C PHE A 120 13.15 24.21 3.38
N ARG A 121 12.50 25.21 3.97
CA ARG A 121 12.27 25.27 5.41
C ARG A 121 10.92 25.93 5.66
N LEU A 122 10.19 25.47 6.68
CA LEU A 122 9.01 26.19 7.15
C LEU A 122 9.28 26.79 8.52
N LEU A 123 8.88 28.05 8.69
CA LEU A 123 8.92 28.67 10.01
C LEU A 123 7.79 28.08 10.84
N GLY A 124 7.76 28.41 12.14
CA GLY A 124 6.81 27.82 13.08
C GLY A 124 5.40 28.34 12.97
N GLU A 125 4.48 27.76 13.74
CA GLU A 125 3.07 28.15 13.66
C GLU A 125 2.81 29.64 13.99
N VAL A 126 3.54 30.16 14.96
CA VAL A 126 3.47 31.58 15.31
C VAL A 126 3.70 32.47 14.07
N ASP A 127 4.62 32.04 13.20
CA ASP A 127 4.87 32.75 11.93
C ASP A 127 4.08 32.18 10.78
N HIS A 128 3.00 31.47 11.11
CA HIS A 128 2.08 30.95 10.12
C HIS A 128 2.73 29.96 9.15
N TYR A 129 3.70 29.18 9.61
CA TYR A 129 4.41 28.23 8.74
C TYR A 129 4.93 28.89 7.44
N GLN A 130 5.43 30.11 7.58
CA GLN A 130 6.00 30.87 6.47
C GLN A 130 7.04 30.05 5.69
N LEU A 131 7.00 30.08 4.36
CA LEU A 131 7.93 29.36 3.50
C LEU A 131 9.27 30.10 3.42
N ALA A 132 10.37 29.39 3.65
CA ALA A 132 11.71 29.90 3.36
C ALA A 132 12.34 29.02 2.27
N LEU A 133 12.28 29.49 1.02
CA LEU A 133 12.78 28.72 -0.10
C LEU A 133 14.17 29.17 -0.55
N GLY A 134 15.04 28.22 -0.81
CA GLY A 134 16.34 28.49 -1.45
C GLY A 134 16.18 28.78 -2.92
N LYS A 135 17.30 29.04 -3.61
CA LYS A 135 17.25 29.44 -5.01
C LYS A 135 16.97 28.26 -5.95
N PHE A 136 16.29 28.57 -7.04
CA PHE A 136 16.04 27.62 -8.11
C PHE A 136 17.37 27.19 -8.73
N SER A 137 17.61 25.89 -8.80
CA SER A 137 18.82 25.40 -9.47
C SER A 137 18.57 24.95 -10.91
N GLU A 138 17.66 23.99 -11.08
CA GLU A 138 17.28 23.53 -12.42
C GLU A 138 15.85 22.99 -12.47
N GLY A 139 15.27 22.99 -13.66
CA GLY A 139 13.98 22.32 -13.85
C GLY A 139 13.18 22.64 -15.09
N THR A 140 12.85 21.57 -15.84
CA THR A 140 12.05 21.69 -17.07
C THR A 140 10.68 22.31 -16.83
N ALA A 141 10.20 22.27 -15.60
CA ALA A 141 8.92 22.88 -15.30
C ALA A 141 9.09 24.37 -15.05
N GLY A 142 10.33 24.78 -14.74
CA GLY A 142 10.59 26.18 -14.41
C GLY A 142 10.16 26.55 -13.01
N ASP A 143 10.34 27.82 -12.67
CA ASP A 143 10.21 28.29 -11.30
C ASP A 143 8.87 28.97 -11.11
N SER A 144 8.02 28.37 -10.27
CA SER A 144 6.75 29.01 -9.93
C SER A 144 6.53 29.04 -8.41
N LEU A 145 7.60 28.85 -7.65
CA LEU A 145 7.54 28.86 -6.19
C LEU A 145 8.33 30.01 -5.52
N SER A 146 9.30 30.59 -6.22
CA SER A 146 10.08 31.71 -5.66
C SER A 146 9.20 32.86 -5.16
N LEU A 147 8.16 33.19 -5.91
CA LEU A 147 7.20 34.23 -5.52
C LEU A 147 6.62 34.01 -4.14
N HIS A 148 6.47 32.74 -3.77
CA HIS A 148 5.83 32.38 -2.52
C HIS A 148 6.80 32.34 -1.36
N SER A 149 8.11 32.35 -1.66
CA SER A 149 9.08 32.40 -0.57
C SER A 149 8.83 33.64 0.28
N GLY A 150 8.97 33.50 1.58
CA GLY A 150 8.75 34.62 2.49
C GLY A 150 7.30 34.83 2.93
N ARG A 151 6.38 34.05 2.36
CA ARG A 151 4.95 34.26 2.59
C ARG A 151 4.34 33.26 3.57
N PRO A 152 3.40 33.72 4.41
CA PRO A 152 2.66 32.85 5.34
C PRO A 152 1.78 31.85 4.60
N PHE A 153 1.50 30.71 5.22
CA PHE A 153 0.57 29.73 4.65
C PHE A 153 -0.83 30.26 4.96
N THR A 154 -1.78 30.11 4.05
CA THR A 154 -3.17 30.47 4.41
C THR A 154 -4.19 29.41 4.03
N THR A 155 -5.18 29.24 4.89
CA THR A 155 -6.24 28.28 4.65
C THR A 155 -7.60 28.99 4.74
N TYR A 156 -8.66 28.29 4.35
CA TYR A 156 -9.97 28.89 4.30
C TYR A 156 -10.38 29.54 5.63
N ASP A 157 -9.83 29.07 6.74
CA ASP A 157 -10.18 29.59 8.06
C ASP A 157 -8.99 30.29 8.71
N ALA A 158 -7.96 30.55 7.92
CA ALA A 158 -6.78 31.28 8.41
C ALA A 158 -6.19 32.10 7.29
N ASP A 159 -6.75 33.30 7.08
CA ASP A 159 -6.37 34.13 5.95
C ASP A 159 -5.18 35.03 6.31
N HIS A 160 -4.03 34.81 5.68
CA HIS A 160 -2.84 35.57 6.01
C HIS A 160 -2.20 36.12 4.77
N ASP A 161 -2.92 36.07 3.66
CA ASP A 161 -2.29 36.44 2.41
C ASP A 161 -2.27 37.97 2.25
N SER A 162 -2.02 38.42 1.02
CA SER A 162 -1.83 39.84 0.80
C SER A 162 -2.98 40.33 -0.09
N SER A 163 -4.02 39.51 -0.17
CA SER A 163 -5.19 39.85 -0.92
C SER A 163 -6.20 40.45 0.05
N ASN A 164 -7.12 41.25 -0.47
CA ASN A 164 -8.15 41.81 0.40
C ASN A 164 -9.31 40.83 0.47
N SER A 165 -9.13 39.70 -0.17
CA SER A 165 -10.00 38.55 0.02
C SER A 165 -9.15 37.35 0.50
N ASN A 166 -9.81 36.21 0.68
CA ASN A 166 -9.16 34.98 1.12
C ASN A 166 -8.89 34.04 -0.05
N CYS A 167 -7.61 33.99 -0.47
CA CYS A 167 -7.18 33.22 -1.65
C CYS A 167 -7.45 31.72 -1.56
N ALA A 168 -7.35 31.17 -0.35
CA ALA A 168 -7.66 29.77 -0.14
C ALA A 168 -9.06 29.52 -0.65
N VAL A 169 -10.00 30.37 -0.26
CA VAL A 169 -11.38 30.25 -0.75
C VAL A 169 -11.45 30.53 -2.24
N ILE A 170 -10.92 31.67 -2.66
CA ILE A 170 -10.91 32.04 -4.08
C ILE A 170 -10.39 30.93 -5.00
N VAL A 171 -9.22 30.35 -4.71
CA VAL A 171 -8.68 29.33 -5.60
C VAL A 171 -8.96 27.87 -5.15
N HIS A 172 -9.64 27.71 -4.02
CA HIS A 172 -10.00 26.39 -3.48
C HIS A 172 -8.75 25.56 -3.19
N GLY A 173 -7.95 26.03 -2.25
CA GLY A 173 -6.72 25.33 -1.91
C GLY A 173 -6.16 25.81 -0.59
N ALA A 174 -4.89 25.54 -0.38
CA ALA A 174 -4.16 26.06 0.74
C ALA A 174 -2.76 26.17 0.22
N TRP A 175 -2.10 27.28 0.54
CA TRP A 175 -0.77 27.52 0.00
C TRP A 175 -0.24 28.75 0.68
N TRP A 176 1.01 29.06 0.36
CA TRP A 176 1.63 30.29 0.80
C TRP A 176 1.19 31.39 -0.17
N TYR A 177 -0.12 31.62 -0.22
CA TYR A 177 -0.70 32.58 -1.15
C TYR A 177 -0.18 34.02 -1.00
N ALA A 178 -0.02 34.66 -2.15
CA ALA A 178 0.12 36.12 -2.22
C ALA A 178 -1.26 36.68 -2.60
N SER A 179 -1.48 36.90 -3.89
CA SER A 179 -2.85 37.20 -4.35
C SER A 179 -3.04 36.98 -5.85
N CYS A 180 -3.02 35.70 -6.25
CA CYS A 180 -2.99 34.62 -5.27
C CYS A 180 -1.79 33.70 -5.39
N TYR A 181 -1.48 33.25 -6.60
CA TYR A 181 -0.38 32.32 -6.80
C TYR A 181 0.25 32.26 -8.19
N ARG A 182 1.50 31.77 -8.23
CA ARG A 182 2.14 31.19 -9.42
C ARG A 182 2.10 29.64 -9.38
N SER A 183 1.89 29.09 -8.18
CA SER A 183 1.67 27.62 -8.03
C SER A 183 0.55 27.33 -7.01
N ASN A 184 -0.12 26.20 -7.17
CA ASN A 184 -1.28 25.84 -6.33
C ASN A 184 -1.40 24.31 -6.32
N LEU A 185 -0.35 23.64 -5.84
CA LEU A 185 -0.28 22.18 -5.93
C LEU A 185 -1.23 21.44 -4.97
N ASN A 186 -1.79 22.17 -4.00
CA ASN A 186 -2.81 21.63 -3.13
C ASN A 186 -4.21 22.05 -3.60
N GLY A 187 -4.28 22.38 -4.89
CA GLY A 187 -5.52 22.85 -5.50
C GLY A 187 -6.47 21.71 -5.82
N ARG A 188 -7.59 22.06 -6.45
CA ARG A 188 -8.68 21.12 -6.61
C ARG A 188 -8.38 20.17 -7.76
N TYR A 189 -8.56 18.88 -7.50
CA TYR A 189 -8.25 17.88 -8.50
C TYR A 189 -9.21 17.86 -9.70
N ALA A 190 -8.62 17.69 -10.88
CA ALA A 190 -9.39 17.50 -12.11
C ALA A 190 -8.86 16.26 -12.79
N VAL A 191 -9.79 15.42 -13.27
CA VAL A 191 -9.45 14.12 -13.82
C VAL A 191 -9.00 14.20 -15.28
N SER A 192 -9.23 15.36 -15.90
CA SER A 192 -8.70 15.66 -17.24
C SER A 192 -8.79 17.15 -17.54
N GLU A 193 -8.55 17.69 -17.98
CA GLU A 193 -8.56 18.91 -18.79
C GLU A 193 -9.98 19.38 -19.06
N ALA A 194 -10.71 18.64 -19.80
CA ALA A 194 -12.09 19.08 -19.97
C ALA A 194 -12.73 19.35 -18.62
N ALA A 195 -12.18 18.68 -17.59
CA ALA A 195 -12.68 18.82 -16.24
C ALA A 195 -11.98 19.95 -15.48
N ALA A 196 -10.85 20.42 -16.02
CA ALA A 196 -10.02 21.45 -15.37
C ALA A 196 -10.80 22.61 -14.76
N HIS A 197 -10.36 23.03 -13.57
CA HIS A 197 -10.94 24.20 -12.90
C HIS A 197 -10.28 25.50 -13.35
N LYS A 198 -10.95 26.61 -13.09
CA LYS A 198 -10.42 27.95 -13.39
C LYS A 198 -9.06 28.13 -12.73
N TYR A 199 -8.96 27.68 -11.49
CA TYR A 199 -7.69 27.58 -10.78
C TYR A 199 -7.54 26.16 -10.24
N GLY A 200 -6.56 25.42 -10.73
CA GLY A 200 -6.40 24.03 -10.31
C GLY A 200 -5.04 23.70 -9.71
N ILE A 201 -4.58 22.49 -9.96
CA ILE A 201 -3.25 22.07 -9.56
C ILE A 201 -2.31 22.59 -10.63
N ASP A 202 -1.95 23.85 -10.48
CA ASP A 202 -1.30 24.61 -11.53
C ASP A 202 0.16 24.90 -11.18
N TRP A 203 0.98 25.03 -12.22
CA TRP A 203 2.37 25.50 -12.11
C TRP A 203 2.55 26.55 -13.21
N ALA A 204 2.54 27.84 -12.85
CA ALA A 204 2.46 28.91 -13.88
C ALA A 204 3.42 28.76 -15.04
N SER A 205 4.68 28.47 -14.73
CA SER A 205 5.76 28.50 -15.71
C SER A 205 5.90 27.17 -16.42
N GLY A 206 5.03 26.22 -16.07
CA GLY A 206 4.96 24.96 -16.79
C GLY A 206 3.84 25.03 -17.80
N ARG A 207 2.62 24.78 -17.34
CA ARG A 207 1.50 24.72 -18.26
C ARG A 207 0.59 25.92 -18.06
N GLY A 208 0.94 26.75 -17.08
CA GLY A 208 0.18 27.97 -16.83
C GLY A 208 -1.02 27.76 -15.92
N VAL A 209 -1.54 28.86 -15.41
CA VAL A 209 -2.72 28.83 -14.56
C VAL A 209 -3.87 28.22 -15.35
N GLY A 210 -4.74 27.46 -14.68
CA GLY A 210 -5.91 26.90 -15.35
C GLY A 210 -5.64 25.68 -16.22
N HIS A 211 -4.38 25.28 -16.34
CA HIS A 211 -4.01 24.03 -17.04
C HIS A 211 -3.29 23.08 -16.09
N PRO A 212 -4.05 22.17 -15.46
CA PRO A 212 -3.58 21.34 -14.33
C PRO A 212 -2.76 20.10 -14.66
N TYR A 213 -2.18 19.48 -13.63
CA TYR A 213 -1.46 18.23 -13.77
C TYR A 213 -2.30 17.06 -13.25
N ARG A 214 -2.03 15.88 -13.78
CA ARG A 214 -2.64 14.63 -13.35
C ARG A 214 -2.00 14.11 -12.04
N ARG A 215 -0.68 14.19 -11.97
CA ARG A 215 0.08 13.70 -10.81
C ARG A 215 1.15 14.71 -10.34
N VAL A 216 1.28 14.85 -9.03
CA VAL A 216 2.23 15.79 -8.42
C VAL A 216 2.86 15.14 -7.19
N ARG A 217 4.13 15.43 -6.94
CA ARG A 217 4.78 15.06 -5.68
C ARG A 217 5.66 16.21 -5.24
N MET A 218 5.82 16.38 -3.93
CA MET A 218 6.79 17.32 -3.42
C MET A 218 7.65 16.55 -2.43
N MET A 219 8.96 16.79 -2.48
CA MET A 219 9.86 15.91 -1.76
C MET A 219 11.15 16.58 -1.35
N LEU A 220 11.78 16.06 -0.31
CA LEU A 220 12.95 16.70 0.27
C LEU A 220 14.07 15.70 0.48
N ARG A 221 15.31 16.19 0.33
CA ARG A 221 16.49 15.38 0.58
C ARG A 221 17.58 16.26 1.16
N GLY B 11 12.28 -9.45 15.50
CA GLY B 11 13.00 -10.75 15.53
C GLY B 11 12.42 -11.85 14.64
N PRO B 12 11.35 -11.57 13.89
CA PRO B 12 10.89 -12.60 12.94
C PRO B 12 11.91 -12.79 11.81
N ARG B 13 12.10 -14.04 11.40
CA ARG B 13 13.15 -14.36 10.44
C ARG B 13 12.61 -14.66 9.04
N ASN B 14 11.31 -14.85 8.95
CA ASN B 14 10.64 -15.11 7.69
C ASN B 14 9.15 -14.94 7.86
N CYS B 15 8.41 -15.20 6.77
CA CYS B 15 6.98 -14.90 6.68
C CYS B 15 6.11 -15.96 7.35
N ARG B 16 6.63 -17.18 7.41
CA ARG B 16 5.91 -18.29 7.98
C ARG B 16 5.91 -18.14 9.50
N GLU B 17 7.03 -17.65 10.01
CA GLU B 17 7.20 -17.30 11.40
C GLU B 17 6.17 -16.22 11.80
N LEU B 18 6.02 -15.20 10.95
CA LEU B 18 5.07 -14.12 11.22
C LEU B 18 3.65 -14.64 11.28
N LEU B 19 3.31 -15.50 10.31
CA LEU B 19 2.01 -16.12 10.22
C LEU B 19 1.69 -17.01 11.43
N SER B 20 2.69 -17.76 11.89
CA SER B 20 2.55 -18.56 13.10
C SER B 20 2.14 -17.70 14.28
N GLN B 21 2.68 -16.48 14.30
CA GLN B 21 2.39 -15.54 15.36
C GLN B 21 1.14 -14.73 15.11
N GLY B 22 0.35 -15.12 14.10
CA GLY B 22 -0.93 -14.47 13.84
C GLY B 22 -0.98 -13.30 12.85
N ALA B 23 0.11 -13.05 12.13
CA ALA B 23 0.05 -12.06 11.04
C ALA B 23 -0.53 -12.72 9.80
N THR B 24 -1.85 -12.67 9.68
CA THR B 24 -2.60 -13.42 8.68
C THR B 24 -2.95 -12.65 7.39
N LEU B 25 -2.60 -11.37 7.35
CA LEU B 25 -2.92 -10.53 6.21
C LEU B 25 -1.65 -10.26 5.42
N SER B 26 -1.75 -10.43 4.11
CA SER B 26 -0.61 -10.25 3.24
C SER B 26 -0.25 -8.78 3.24
N GLY B 27 1.04 -8.49 3.27
CA GLY B 27 1.50 -7.11 3.26
C GLY B 27 2.97 -7.03 3.59
N TRP B 28 3.42 -5.82 3.84
CA TRP B 28 4.81 -5.53 4.16
C TRP B 28 5.05 -5.62 5.66
N TYR B 29 6.08 -6.38 6.04
CA TYR B 29 6.48 -6.60 7.41
C TYR B 29 7.98 -6.37 7.52
N HIS B 30 8.50 -6.32 8.74
CA HIS B 30 9.93 -6.26 8.93
C HIS B 30 10.45 -7.59 9.42
N LEU B 31 11.48 -8.09 8.76
CA LEU B 31 12.17 -9.28 9.23
C LEU B 31 13.37 -8.77 10.02
N CYS B 32 13.96 -9.60 10.88
CA CYS B 32 15.28 -9.25 11.39
C CYS B 32 16.31 -10.26 10.90
N LEU B 33 17.31 -9.77 10.18
CA LEU B 33 18.32 -10.65 9.59
C LEU B 33 19.25 -11.19 10.67
N PRO B 34 19.78 -12.41 10.46
CA PRO B 34 20.62 -13.04 11.49
C PRO B 34 21.75 -12.12 11.90
N GLU B 35 21.99 -11.10 11.07
CA GLU B 35 23.07 -10.17 11.24
C GLU B 35 22.71 -8.95 12.09
N GLY B 36 21.41 -8.80 12.38
CA GLY B 36 20.94 -7.69 13.22
C GLY B 36 20.37 -6.53 12.43
N ARG B 37 19.92 -6.80 11.22
CA ARG B 37 19.38 -5.74 10.39
C ARG B 37 17.92 -5.99 10.15
N ALA B 38 17.12 -4.94 10.19
CA ALA B 38 15.69 -5.06 9.93
C ALA B 38 15.46 -4.93 8.43
N LEU B 39 14.60 -5.78 7.91
CA LEU B 39 14.43 -5.87 6.46
C LEU B 39 12.96 -5.90 6.11
N PRO B 40 12.47 -4.81 5.53
CA PRO B 40 11.10 -4.85 5.03
C PRO B 40 10.95 -5.91 3.94
N VAL B 41 9.96 -6.80 4.08
CA VAL B 41 9.66 -7.77 3.04
C VAL B 41 8.15 -7.85 2.82
N PHE B 42 7.77 -8.31 1.63
CA PHE B 42 6.36 -8.62 1.37
C PHE B 42 6.11 -10.08 1.68
N CYS B 43 5.16 -10.32 2.58
CA CYS B 43 4.69 -11.66 2.89
C CYS B 43 3.32 -11.93 2.28
N ASP B 44 3.25 -12.97 1.46
CA ASP B 44 1.97 -13.48 0.97
C ASP B 44 1.44 -14.48 2.01
N MET B 45 0.40 -14.08 2.72
CA MET B 45 -0.07 -14.87 3.85
C MET B 45 -1.24 -15.77 3.48
N ASP B 46 -1.58 -15.85 2.20
CA ASP B 46 -2.69 -16.71 1.78
C ASP B 46 -2.36 -17.81 0.77
N THR B 47 -1.58 -17.49 -0.26
CA THR B 47 -1.28 -18.47 -1.34
C THR B 47 -0.77 -19.81 -0.81
N GLU B 48 -1.49 -20.89 -1.13
CA GLU B 48 -1.09 -22.25 -0.80
C GLU B 48 -0.80 -22.48 0.68
N GLY B 49 -1.59 -21.84 1.53
CA GLY B 49 -1.38 -21.93 2.96
C GLY B 49 -0.69 -20.71 3.54
N GLY B 50 -0.07 -19.90 2.66
CA GLY B 50 0.55 -18.64 3.08
C GLY B 50 1.95 -18.80 3.67
N GLY B 51 2.62 -17.69 3.92
CA GLY B 51 3.94 -17.70 4.51
C GLY B 51 5.01 -17.50 3.46
N TRP B 52 4.62 -16.97 2.30
CA TRP B 52 5.55 -16.70 1.19
C TRP B 52 6.21 -15.31 1.26
N LEU B 53 7.53 -15.30 1.22
CA LEU B 53 8.29 -14.09 1.09
C LEU B 53 8.49 -13.80 -0.41
N VAL B 54 7.78 -12.77 -0.92
CA VAL B 54 7.92 -12.33 -2.31
C VAL B 54 9.15 -11.44 -2.43
N PHE B 55 10.15 -11.89 -3.17
CA PHE B 55 11.39 -11.13 -3.28
C PHE B 55 11.55 -10.44 -4.63
N GLN B 56 10.64 -10.69 -5.56
CA GLN B 56 10.66 -9.99 -6.84
C GLN B 56 9.23 -9.84 -7.34
N ARG B 57 8.89 -8.68 -7.90
CA ARG B 57 7.56 -8.46 -8.41
C ARG B 57 7.62 -7.52 -9.63
N ARG B 58 6.89 -7.86 -10.70
CA ARG B 58 6.75 -6.97 -11.84
C ARG B 58 5.30 -6.84 -12.21
N GLN B 59 4.81 -5.60 -12.44
CA GLN B 59 3.39 -5.44 -12.76
C GLN B 59 2.98 -4.26 -13.64
N ASP B 60 3.86 -3.27 -13.83
CA ASP B 60 3.46 -2.04 -14.52
C ASP B 60 4.60 -1.29 -15.24
N GLY B 61 5.82 -1.79 -15.20
CA GLY B 61 6.95 -1.13 -15.86
C GLY B 61 7.39 0.19 -15.27
N SER B 62 6.93 0.48 -14.06
CA SER B 62 7.27 1.76 -13.41
C SER B 62 8.70 1.80 -12.89
N VAL B 63 9.30 0.63 -12.66
CA VAL B 63 10.64 0.61 -12.09
C VAL B 63 11.68 0.16 -13.13
N ASP B 64 12.80 0.85 -13.20
CA ASP B 64 13.87 0.44 -14.10
C ASP B 64 14.63 -0.74 -13.48
N PHE B 65 14.76 -1.85 -14.21
CA PHE B 65 15.39 -3.08 -13.72
C PHE B 65 16.73 -3.36 -14.39
N PHE B 66 17.12 -2.49 -15.31
CA PHE B 66 18.46 -2.56 -15.91
C PHE B 66 19.45 -1.83 -15.01
N ARG B 67 19.93 -2.52 -13.98
CA ARG B 67 20.71 -1.90 -12.91
C ARG B 67 22.05 -2.57 -12.71
N SER B 68 22.95 -1.87 -12.01
CA SER B 68 24.32 -2.26 -11.75
C SER B 68 24.42 -3.41 -10.76
N TRP B 69 25.61 -3.99 -10.66
CA TRP B 69 25.93 -4.99 -9.63
C TRP B 69 25.52 -4.52 -8.22
N SER B 70 25.87 -3.28 -7.87
CA SER B 70 25.57 -2.68 -6.57
C SER B 70 24.08 -2.57 -6.29
N SER B 71 23.31 -2.14 -7.27
CA SER B 71 21.87 -2.01 -7.11
C SER B 71 21.28 -3.39 -6.82
N TYR B 72 21.68 -4.38 -7.63
CA TYR B 72 21.12 -5.71 -7.47
C TYR B 72 21.56 -6.32 -6.15
N ARG B 73 22.76 -5.96 -5.69
CA ARG B 73 23.28 -6.50 -4.44
C ARG B 73 22.45 -5.98 -3.27
N ALA B 74 22.16 -4.68 -3.28
CA ALA B 74 21.42 -4.04 -2.19
C ALA B 74 19.89 -4.07 -2.35
N GLY B 75 19.41 -4.33 -3.57
CA GLY B 75 17.97 -4.33 -3.83
C GLY B 75 17.50 -2.95 -4.28
N PHE B 76 16.31 -2.87 -4.89
CA PHE B 76 15.82 -1.59 -5.41
C PHE B 76 14.36 -1.73 -5.73
N GLY B 77 13.69 -0.59 -5.86
CA GLY B 77 12.31 -0.59 -6.29
C GLY B 77 11.37 0.06 -5.30
N ASN B 78 10.11 -0.39 -5.33
CA ASN B 78 9.06 0.37 -4.69
C ASN B 78 8.10 -0.60 -4.05
N GLN B 79 7.95 -0.50 -2.73
CA GLN B 79 7.04 -1.38 -2.00
C GLN B 79 5.60 -1.31 -2.53
N GLU B 80 5.23 -0.17 -3.09
CA GLU B 80 3.90 -0.01 -3.65
C GLU B 80 3.80 -0.65 -5.04
N SER B 81 4.92 -1.02 -5.66
CA SER B 81 4.82 -1.56 -7.03
C SER B 81 5.74 -2.72 -7.48
N GLU B 82 6.98 -2.41 -7.90
CA GLU B 82 7.85 -3.47 -8.44
C GLU B 82 9.16 -3.31 -7.71
N PHE B 83 9.84 -4.43 -7.44
CA PHE B 83 11.10 -4.38 -6.70
C PHE B 83 11.94 -5.64 -6.90
N TRP B 84 13.22 -5.52 -6.55
CA TRP B 84 14.10 -6.66 -6.33
C TRP B 84 14.64 -6.47 -4.93
N LEU B 85 14.43 -7.47 -4.08
CA LEU B 85 14.74 -7.35 -2.66
C LEU B 85 16.24 -7.23 -2.40
N GLY B 86 17.06 -7.82 -3.27
CA GLY B 86 18.50 -7.63 -3.18
C GLY B 86 19.23 -8.95 -2.99
N ASN B 87 20.32 -9.15 -3.75
CA ASN B 87 21.13 -10.38 -3.68
C ASN B 87 21.77 -10.66 -2.31
N GLU B 88 22.26 -9.65 -1.61
CA GLU B 88 22.85 -9.89 -0.28
C GLU B 88 21.77 -10.35 0.72
N ASN B 89 20.63 -9.67 0.71
CA ASN B 89 19.44 -10.09 1.46
C ASN B 89 19.05 -11.55 1.17
N LEU B 90 18.92 -11.91 -0.11
CA LEU B 90 18.58 -13.29 -0.46
C LEU B 90 19.63 -14.30 0.00
N HIS B 91 20.90 -13.91 -0.11
CA HIS B 91 21.99 -14.75 0.34
C HIS B 91 21.93 -15.03 1.84
N GLN B 92 21.65 -13.98 2.62
CA GLN B 92 21.61 -14.05 4.07
C GLN B 92 20.40 -14.86 4.52
N LEU B 93 19.25 -14.61 3.91
CA LEU B 93 18.04 -15.40 4.14
C LEU B 93 18.25 -16.89 3.88
N THR B 94 18.97 -17.21 2.81
CA THR B 94 19.00 -18.59 2.35
C THR B 94 20.23 -19.40 2.81
N LEU B 95 21.10 -18.77 3.58
CA LEU B 95 22.26 -19.48 4.15
C LEU B 95 21.85 -20.82 4.81
N GLN B 96 20.83 -20.77 5.66
CA GLN B 96 20.31 -21.99 6.28
C GLN B 96 18.85 -22.21 5.94
N GLY B 97 18.34 -23.39 6.27
CA GLY B 97 16.97 -23.73 5.95
C GLY B 97 16.87 -24.10 4.49
N ASN B 98 15.74 -24.65 4.07
CA ASN B 98 15.57 -24.90 2.66
C ASN B 98 14.27 -24.29 2.17
N TRP B 99 14.42 -23.27 1.34
CA TRP B 99 13.29 -22.50 0.91
C TRP B 99 12.86 -22.99 -0.44
N GLU B 100 11.59 -23.31 -0.56
CA GLU B 100 10.99 -23.62 -1.82
C GLU B 100 10.74 -22.32 -2.56
N LEU B 101 10.85 -22.39 -3.88
CA LEU B 101 10.66 -21.26 -4.75
C LEU B 101 9.41 -21.49 -5.56
N ARG B 102 8.56 -20.49 -5.62
CA ARG B 102 7.40 -20.49 -6.47
C ARG B 102 7.55 -19.25 -7.33
N VAL B 103 7.37 -19.43 -8.63
CA VAL B 103 7.30 -18.34 -9.60
C VAL B 103 5.87 -18.26 -10.14
N GLU B 104 5.30 -17.05 -10.13
CA GLU B 104 3.96 -16.84 -10.65
C GLU B 104 4.03 -15.92 -11.86
N LEU B 105 3.24 -16.25 -12.87
CA LEU B 105 3.33 -15.60 -14.16
C LEU B 105 1.93 -15.25 -14.63
N GLU B 106 1.74 -14.01 -15.08
CA GLU B 106 0.44 -13.63 -15.59
C GLU B 106 0.54 -12.96 -16.96
N ASP B 107 -0.16 -13.52 -17.94
CA ASP B 107 -0.03 -13.03 -19.31
C ASP B 107 -0.99 -11.87 -19.56
N PHE B 108 -0.96 -11.31 -20.76
CA PHE B 108 -1.77 -10.11 -21.03
C PHE B 108 -3.28 -10.35 -21.03
N ASN B 109 -3.68 -11.61 -21.13
CA ASN B 109 -5.10 -11.97 -21.07
C ASN B 109 -5.55 -12.07 -19.62
N GLY B 110 -4.60 -12.35 -18.73
CA GLY B 110 -4.90 -12.52 -17.31
C GLY B 110 -4.75 -13.95 -16.83
N ASN B 111 -4.34 -14.86 -17.71
CA ASN B 111 -4.11 -16.24 -17.30
C ASN B 111 -2.86 -16.40 -16.46
N ARG B 112 -2.96 -17.19 -15.40
CA ARG B 112 -1.86 -17.34 -14.48
C ARG B 112 -1.29 -18.75 -14.56
N THR B 113 0.03 -18.82 -14.59
CA THR B 113 0.79 -20.06 -14.64
C THR B 113 1.91 -19.96 -13.59
N PHE B 114 2.56 -21.09 -13.32
CA PHE B 114 3.39 -21.19 -12.14
C PHE B 114 4.48 -22.23 -12.33
N ALA B 115 5.54 -22.10 -11.54
CA ALA B 115 6.63 -23.08 -11.52
C ALA B 115 7.12 -23.17 -10.11
N HIS B 116 7.44 -24.38 -9.66
CA HIS B 116 7.86 -24.62 -8.29
C HIS B 116 9.15 -25.43 -8.27
N TYR B 117 10.11 -24.99 -7.46
CA TYR B 117 11.40 -25.66 -7.33
C TYR B 117 11.62 -25.98 -5.87
N ALA B 118 12.24 -27.14 -5.59
CA ALA B 118 12.37 -27.65 -4.21
C ALA B 118 13.18 -26.75 -3.29
N THR B 119 14.31 -26.25 -3.75
CA THR B 119 15.03 -25.25 -2.98
C THR B 119 15.59 -24.15 -3.89
N PHE B 120 15.85 -23.02 -3.26
CA PHE B 120 16.43 -21.85 -3.89
C PHE B 120 17.34 -21.28 -2.85
N ARG B 121 18.59 -21.03 -3.22
CA ARG B 121 19.60 -20.45 -2.35
C ARG B 121 20.63 -19.69 -3.21
N LEU B 122 21.09 -18.55 -2.70
CA LEU B 122 22.14 -17.82 -3.34
C LEU B 122 23.41 -17.94 -2.51
N LEU B 123 24.52 -18.25 -3.16
CA LEU B 123 25.86 -18.16 -2.57
C LEU B 123 26.27 -16.71 -2.36
N GLY B 124 27.40 -16.48 -1.71
CA GLY B 124 27.81 -15.11 -1.35
C GLY B 124 28.29 -14.30 -2.54
N GLU B 125 28.54 -13.01 -2.30
CA GLU B 125 29.12 -12.14 -3.31
C GLU B 125 30.50 -12.63 -3.82
N VAL B 126 31.26 -13.29 -2.95
CA VAL B 126 32.56 -13.84 -3.34
C VAL B 126 32.38 -14.84 -4.48
N ASP B 127 31.23 -15.54 -4.45
CA ASP B 127 30.83 -16.48 -5.49
C ASP B 127 29.83 -15.87 -6.52
N HIS B 128 29.74 -14.54 -6.57
CA HIS B 128 28.89 -13.85 -7.54
C HIS B 128 27.39 -14.18 -7.40
N TYR B 129 26.98 -14.51 -6.17
CA TYR B 129 25.58 -14.75 -5.88
C TYR B 129 25.02 -15.85 -6.78
N GLN B 130 25.88 -16.82 -7.02
CA GLN B 130 25.55 -18.01 -7.77
C GLN B 130 24.28 -18.68 -7.28
N LEU B 131 23.43 -19.08 -8.23
CA LEU B 131 22.20 -19.78 -7.95
C LEU B 131 22.38 -21.26 -7.59
N ALA B 132 21.79 -21.67 -6.47
CA ALA B 132 21.67 -23.08 -6.15
C ALA B 132 20.19 -23.45 -6.13
N LEU B 133 19.77 -24.24 -7.10
CA LEU B 133 18.36 -24.53 -7.28
C LEU B 133 18.08 -26.02 -7.17
N GLY B 134 17.05 -26.36 -6.40
CA GLY B 134 16.55 -27.71 -6.33
C GLY B 134 15.73 -28.06 -7.55
N LYS B 135 15.31 -29.32 -7.63
CA LYS B 135 14.63 -29.77 -8.84
C LYS B 135 13.26 -29.13 -8.98
N PHE B 136 12.87 -28.97 -10.23
CA PHE B 136 11.54 -28.57 -10.61
C PHE B 136 10.58 -29.67 -10.15
N SER B 137 9.49 -29.29 -9.50
CA SER B 137 8.55 -30.28 -8.98
C SER B 137 7.29 -30.35 -9.81
N GLU B 138 6.82 -29.19 -10.27
CA GLU B 138 5.54 -29.13 -10.95
C GLU B 138 5.30 -27.69 -11.34
N GLY B 139 4.50 -27.47 -12.35
CA GLY B 139 4.11 -26.14 -12.72
C GLY B 139 3.65 -26.00 -14.15
N THR B 140 2.55 -25.29 -14.32
CA THR B 140 1.92 -25.12 -15.61
C THR B 140 2.69 -24.19 -16.53
N ALA B 141 3.65 -23.46 -15.95
CA ALA B 141 4.55 -22.61 -16.75
C ALA B 141 5.69 -23.43 -17.38
N GLY B 142 5.97 -24.59 -16.81
CA GLY B 142 7.11 -25.40 -17.24
C GLY B 142 8.37 -25.01 -16.46
N ASP B 143 9.48 -25.66 -16.78
CA ASP B 143 10.75 -25.41 -16.12
C ASP B 143 11.63 -24.56 -17.04
N SER B 144 11.84 -23.28 -16.67
CA SER B 144 12.77 -22.42 -17.41
C SER B 144 13.83 -21.81 -16.51
N LEU B 145 14.07 -22.41 -15.35
CA LEU B 145 15.13 -21.93 -14.45
C LEU B 145 16.24 -22.96 -14.24
N SER B 146 15.98 -24.25 -14.43
CA SER B 146 17.00 -25.29 -14.17
C SER B 146 18.36 -25.01 -14.84
N LEU B 147 18.30 -24.59 -16.11
CA LEU B 147 19.50 -24.23 -16.86
C LEU B 147 20.35 -23.22 -16.12
N HIS B 148 19.71 -22.34 -15.34
CA HIS B 148 20.43 -21.28 -14.67
C HIS B 148 21.02 -21.72 -13.35
N SER B 149 20.58 -22.87 -12.86
CA SER B 149 21.12 -23.38 -11.61
C SER B 149 22.62 -23.58 -11.77
N GLY B 150 23.36 -23.17 -10.75
CA GLY B 150 24.81 -23.36 -10.71
C GLY B 150 25.55 -22.23 -11.43
N ARG B 151 24.83 -21.19 -11.83
CA ARG B 151 25.45 -20.07 -12.52
C ARG B 151 25.55 -18.80 -11.67
N PRO B 152 26.62 -18.03 -11.85
CA PRO B 152 26.78 -16.72 -11.21
C PRO B 152 25.75 -15.68 -11.69
N PHE B 153 25.57 -14.61 -10.92
CA PHE B 153 24.68 -13.52 -11.32
C PHE B 153 25.46 -12.60 -12.24
N THR B 154 24.78 -11.98 -13.19
CA THR B 154 25.43 -11.09 -14.16
C THR B 154 24.62 -9.81 -14.32
N THR B 155 25.30 -8.66 -14.28
CA THR B 155 24.70 -7.34 -14.56
C THR B 155 25.50 -6.62 -15.65
N TYR B 156 25.03 -5.45 -16.10
CA TYR B 156 25.71 -4.76 -17.20
C TYR B 156 27.16 -4.43 -16.89
N ASP B 157 27.48 -4.21 -15.61
CA ASP B 157 28.84 -3.86 -15.21
C ASP B 157 29.61 -5.00 -14.56
N ALA B 158 29.07 -6.21 -14.56
CA ALA B 158 29.80 -7.35 -14.02
C ALA B 158 29.40 -8.63 -14.75
N ASP B 159 30.17 -8.97 -15.76
CA ASP B 159 29.83 -10.06 -16.67
C ASP B 159 30.48 -11.34 -16.18
N HIS B 160 29.67 -12.33 -15.79
CA HIS B 160 30.18 -13.61 -15.29
C HIS B 160 29.57 -14.77 -16.06
N ASP B 161 28.99 -14.48 -17.23
CA ASP B 161 28.20 -15.48 -17.94
C ASP B 161 29.04 -16.37 -18.86
N SER B 162 28.40 -17.24 -19.62
CA SER B 162 29.15 -18.16 -20.46
C SER B 162 29.17 -17.66 -21.91
N SER B 163 28.86 -16.37 -22.11
CA SER B 163 28.86 -15.76 -23.44
C SER B 163 30.13 -14.96 -23.67
N ASN B 164 30.57 -14.86 -24.93
CA ASN B 164 31.68 -13.96 -25.25
C ASN B 164 31.30 -12.50 -25.01
N SER B 165 30.01 -12.20 -25.11
CA SER B 165 29.55 -10.85 -24.81
C SER B 165 28.86 -10.83 -23.44
N ASN B 166 28.26 -9.68 -23.11
CA ASN B 166 27.57 -9.51 -21.84
C ASN B 166 26.07 -9.70 -22.01
N CYS B 167 25.56 -10.83 -21.55
CA CYS B 167 24.14 -11.14 -21.69
C CYS B 167 23.22 -10.06 -21.12
N ALA B 168 23.62 -9.44 -20.01
CA ALA B 168 22.78 -8.44 -19.36
C ALA B 168 22.55 -7.25 -20.29
N VAL B 169 23.60 -6.93 -21.04
CA VAL B 169 23.56 -5.87 -22.03
C VAL B 169 22.77 -6.32 -23.24
N ILE B 170 23.08 -7.53 -23.75
CA ILE B 170 22.37 -8.10 -24.89
C ILE B 170 20.86 -8.20 -24.62
N VAL B 171 20.47 -8.69 -23.45
CA VAL B 171 19.04 -8.88 -23.21
C VAL B 171 18.41 -7.75 -22.36
N HIS B 172 19.22 -6.80 -21.90
CA HIS B 172 18.71 -5.70 -21.08
C HIS B 172 18.08 -6.18 -19.76
N GLY B 173 18.87 -6.85 -18.93
CA GLY B 173 18.35 -7.37 -17.69
C GLY B 173 19.50 -7.70 -16.77
N ALA B 174 19.21 -8.51 -15.76
CA ALA B 174 20.21 -9.06 -14.83
C ALA B 174 19.71 -10.43 -14.39
N TRP B 175 20.61 -11.42 -14.32
CA TRP B 175 20.14 -12.80 -14.09
C TRP B 175 21.35 -13.69 -13.98
N TRP B 176 21.11 -14.97 -13.71
CA TRP B 176 22.17 -15.97 -13.66
C TRP B 176 22.41 -16.47 -15.08
N TYR B 177 22.85 -15.55 -15.94
CA TYR B 177 22.83 -15.80 -17.38
C TYR B 177 23.82 -16.90 -17.83
N ALA B 178 23.41 -17.64 -18.85
CA ALA B 178 24.29 -18.56 -19.56
C ALA B 178 24.71 -17.88 -20.86
N SER B 179 24.04 -18.21 -21.97
CA SER B 179 24.34 -17.55 -23.24
C SER B 179 23.15 -17.60 -24.21
N CYS B 180 22.01 -17.00 -23.82
CA CYS B 180 21.91 -16.21 -22.60
C CYS B 180 20.93 -16.76 -21.57
N TYR B 181 19.70 -17.12 -21.96
CA TYR B 181 18.73 -17.53 -20.96
C TYR B 181 17.58 -18.40 -21.41
N ARG B 182 17.00 -19.10 -20.43
CA ARG B 182 15.66 -19.66 -20.54
C ARG B 182 14.62 -18.85 -19.77
N SER B 183 15.06 -18.07 -18.77
CA SER B 183 14.16 -17.09 -18.14
C SER B 183 14.84 -15.73 -17.94
N ASN B 184 14.05 -14.67 -17.92
CA ASN B 184 14.59 -13.31 -17.90
C ASN B 184 13.62 -12.38 -17.16
N LEU B 185 13.30 -12.72 -15.92
CA LEU B 185 12.19 -12.05 -15.24
C LEU B 185 12.54 -10.63 -14.76
N ASN B 186 13.82 -10.29 -14.79
CA ASN B 186 14.30 -8.94 -14.47
C ASN B 186 14.51 -8.15 -15.77
N GLY B 187 13.90 -8.63 -16.85
CA GLY B 187 14.04 -8.01 -18.17
C GLY B 187 13.21 -6.73 -18.33
N ARG B 188 13.23 -6.20 -19.54
CA ARG B 188 12.59 -4.93 -19.83
C ARG B 188 11.07 -5.04 -19.95
N TYR B 189 10.36 -4.19 -19.23
CA TYR B 189 8.89 -4.28 -19.18
C TYR B 189 8.23 -3.99 -20.53
N ALA B 190 7.14 -4.69 -20.83
CA ALA B 190 6.35 -4.38 -22.01
C ALA B 190 4.87 -4.39 -21.61
N VAL B 191 4.10 -3.39 -22.04
CA VAL B 191 2.66 -3.33 -21.67
C VAL B 191 1.77 -4.25 -22.48
N SER B 192 2.25 -4.73 -23.62
CA SER B 192 1.43 -5.58 -24.47
C SER B 192 2.32 -6.39 -25.42
N GLU B 193 1.69 -6.70 -25.88
CA GLU B 193 2.58 -7.54 -26.66
C GLU B 193 2.68 -7.03 -28.10
N ALA B 194 2.18 -6.19 -28.53
CA ALA B 194 2.56 -5.15 -29.50
C ALA B 194 3.78 -4.34 -29.07
N ALA B 195 3.96 -4.13 -27.77
CA ALA B 195 5.12 -3.39 -27.31
C ALA B 195 6.31 -4.31 -26.98
N ALA B 196 6.13 -5.61 -27.18
CA ALA B 196 7.12 -6.59 -26.74
C ALA B 196 8.52 -6.37 -27.33
N HIS B 197 9.55 -6.47 -26.50
CA HIS B 197 10.92 -6.41 -26.97
C HIS B 197 11.36 -7.83 -27.38
N LYS B 198 12.44 -7.94 -28.14
CA LYS B 198 12.94 -9.24 -28.59
C LYS B 198 13.29 -10.06 -27.36
N TYR B 199 13.88 -9.40 -26.37
CA TYR B 199 14.13 -10.04 -25.09
C TYR B 199 13.41 -9.28 -24.00
N GLY B 200 12.49 -9.96 -23.33
CA GLY B 200 11.68 -9.29 -22.33
C GLY B 200 11.54 -10.12 -21.08
N ILE B 201 10.47 -9.85 -20.34
CA ILE B 201 10.14 -10.59 -19.14
C ILE B 201 9.60 -11.94 -19.58
N ASP B 202 10.54 -12.88 -19.77
CA ASP B 202 10.27 -14.13 -20.51
C ASP B 202 10.48 -15.41 -19.70
N TRP B 203 9.65 -16.40 -19.99
CA TRP B 203 9.82 -17.75 -19.46
C TRP B 203 9.74 -18.73 -20.68
N ALA B 204 10.88 -19.28 -21.10
CA ALA B 204 10.95 -20.00 -22.39
C ALA B 204 9.94 -21.15 -22.56
N SER B 205 9.75 -21.96 -21.51
CA SER B 205 8.86 -23.11 -21.57
C SER B 205 7.39 -22.73 -21.42
N GLY B 206 7.11 -21.46 -21.16
CA GLY B 206 5.76 -20.95 -20.99
C GLY B 206 5.26 -20.29 -22.26
N ARG B 207 5.44 -18.98 -22.37
CA ARG B 207 5.05 -18.30 -23.62
C ARG B 207 6.21 -18.16 -24.62
N GLY B 208 7.42 -18.48 -24.20
CA GLY B 208 8.60 -18.39 -25.07
C GLY B 208 9.38 -17.09 -24.98
N VAL B 209 10.64 -17.15 -25.41
CA VAL B 209 11.46 -15.97 -25.61
C VAL B 209 10.71 -15.00 -26.51
N GLY B 210 10.63 -13.73 -26.08
CA GLY B 210 10.07 -12.66 -26.91
C GLY B 210 8.58 -12.47 -26.78
N HIS B 211 7.95 -13.29 -25.94
CA HIS B 211 6.53 -13.16 -25.63
C HIS B 211 6.39 -13.04 -24.13
N PRO B 212 6.26 -11.81 -23.65
CA PRO B 212 6.44 -11.48 -22.24
C PRO B 212 5.18 -11.64 -21.39
N TYR B 213 5.35 -11.43 -20.09
CA TYR B 213 4.26 -11.47 -19.15
C TYR B 213 3.98 -10.06 -18.61
N ARG B 214 2.73 -9.83 -18.24
CA ARG B 214 2.32 -8.55 -17.69
C ARG B 214 2.67 -8.44 -16.21
N ARG B 215 2.55 -9.55 -15.50
CA ARG B 215 2.81 -9.60 -14.07
C ARG B 215 3.61 -10.82 -13.70
N VAL B 216 4.51 -10.64 -12.76
CA VAL B 216 5.40 -11.70 -12.31
C VAL B 216 5.66 -11.52 -10.82
N ARG B 217 5.72 -12.65 -10.07
CA ARG B 217 6.29 -12.65 -8.72
C ARG B 217 7.20 -13.85 -8.54
N MET B 218 8.26 -13.67 -7.76
CA MET B 218 9.08 -14.79 -7.30
C MET B 218 9.00 -14.81 -5.78
N MET B 219 8.71 -15.97 -5.21
CA MET B 219 8.38 -16.12 -3.79
C MET B 219 9.09 -17.32 -3.18
N LEU B 220 9.56 -17.14 -1.95
CA LEU B 220 10.23 -18.21 -1.21
C LEU B 220 9.46 -18.61 0.06
N ARG B 221 9.67 -19.84 0.50
CA ARG B 221 9.40 -20.20 1.89
C ARG B 221 9.91 -21.56 2.32
N GLY C 11 3.16 0.13 23.30
CA GLY C 11 2.29 0.19 22.09
C GLY C 11 0.93 0.81 22.38
N PRO C 12 0.28 1.35 21.33
CA PRO C 12 -1.02 2.04 21.44
C PRO C 12 -2.16 1.05 21.52
N ARG C 13 -3.27 1.48 22.11
CA ARG C 13 -4.40 0.57 22.38
C ARG C 13 -5.46 0.59 21.28
N ASN C 14 -5.55 1.70 20.55
CA ASN C 14 -6.52 1.85 19.48
C ASN C 14 -6.11 2.93 18.49
N CYS C 15 -6.93 3.14 17.47
CA CYS C 15 -6.60 4.07 16.39
C CYS C 15 -6.71 5.54 16.82
N ARG C 16 -7.69 5.86 17.65
CA ARG C 16 -7.82 7.24 18.12
C ARG C 16 -6.61 7.67 18.96
N GLU C 17 -6.00 6.72 19.67
CA GLU C 17 -4.80 7.04 20.46
C GLU C 17 -3.62 7.33 19.52
N LEU C 18 -3.48 6.52 18.46
CA LEU C 18 -2.54 6.82 17.40
C LEU C 18 -2.78 8.21 16.76
N LEU C 19 -4.02 8.50 16.38
CA LEU C 19 -4.36 9.79 15.81
C LEU C 19 -3.89 10.90 16.76
N SER C 20 -4.22 10.72 18.03
CA SER C 20 -3.88 11.65 19.10
C SER C 20 -2.39 11.94 19.10
N GLN C 21 -1.59 10.94 18.77
CA GLN C 21 -0.15 11.11 18.85
C GLN C 21 0.45 11.61 17.54
N GLY C 22 -0.39 12.03 16.60
CA GLY C 22 0.11 12.58 15.34
C GLY C 22 0.11 11.63 14.13
N ALA C 23 -0.47 10.45 14.29
CA ALA C 23 -0.68 9.55 13.15
C ALA C 23 -1.94 9.98 12.37
N THR C 24 -1.77 10.92 11.45
CA THR C 24 -2.92 11.54 10.79
C THR C 24 -3.25 10.99 9.41
N LEU C 25 -2.36 10.14 8.88
CA LEU C 25 -2.62 9.48 7.59
C LEU C 25 -3.25 8.09 7.77
N SER C 26 -4.36 7.83 7.11
CA SER C 26 -4.97 6.51 7.10
C SER C 26 -4.04 5.45 6.52
N GLY C 27 -4.07 4.29 7.15
CA GLY C 27 -3.18 3.22 6.73
C GLY C 27 -3.01 2.17 7.82
N TRP C 28 -1.96 1.36 7.64
CA TRP C 28 -1.71 0.24 8.53
C TRP C 28 -0.75 0.60 9.66
N TYR C 29 -1.24 0.45 10.89
CA TYR C 29 -0.47 0.68 12.09
C TYR C 29 -0.52 -0.58 12.94
N HIS C 30 0.38 -0.67 13.91
CA HIS C 30 0.35 -1.78 14.86
C HIS C 30 -0.30 -1.37 16.18
N LEU C 31 -1.25 -2.16 16.66
CA LEU C 31 -1.75 -1.99 18.02
C LEU C 31 -1.07 -3.04 18.88
N CYS C 32 -1.05 -2.81 20.19
CA CYS C 32 -0.51 -3.81 21.09
C CYS C 32 -1.65 -4.28 21.97
N LEU C 33 -1.95 -5.57 21.88
CA LEU C 33 -3.07 -6.16 22.61
C LEU C 33 -2.68 -6.43 24.07
N PRO C 34 -3.68 -6.47 24.96
CA PRO C 34 -3.51 -6.83 26.37
C PRO C 34 -2.43 -7.90 26.54
N GLU C 35 -2.53 -8.99 25.79
CA GLU C 35 -1.56 -10.09 25.90
C GLU C 35 -0.16 -9.72 25.42
N GLY C 36 0.02 -8.49 24.96
CA GLY C 36 1.32 -8.01 24.52
C GLY C 36 1.62 -8.29 23.06
N ARG C 37 0.71 -9.01 22.41
CA ARG C 37 0.83 -9.36 21.00
C ARG C 37 0.56 -8.14 20.11
N ALA C 38 1.53 -7.76 19.28
CA ALA C 38 1.31 -6.63 18.38
C ALA C 38 0.42 -7.03 17.20
N LEU C 39 -0.54 -6.17 16.85
CA LEU C 39 -1.51 -6.46 15.80
C LEU C 39 -1.59 -5.36 14.75
N PRO C 40 -1.23 -5.70 13.48
CA PRO C 40 -1.42 -4.76 12.38
C PRO C 40 -2.90 -4.50 12.15
N VAL C 41 -3.28 -3.23 12.07
CA VAL C 41 -4.66 -2.87 11.76
C VAL C 41 -4.73 -1.66 10.84
N PHE C 42 -5.84 -1.54 10.12
CA PHE C 42 -6.05 -0.37 9.30
C PHE C 42 -6.82 0.68 10.08
N CYS C 43 -6.19 1.85 10.23
CA CYS C 43 -6.83 3.01 10.87
C CYS C 43 -7.25 4.03 9.83
N ASP C 44 -8.54 4.34 9.83
CA ASP C 44 -9.07 5.43 9.04
C ASP C 44 -8.99 6.71 9.90
N MET C 45 -8.13 7.63 9.49
CA MET C 45 -7.86 8.81 10.31
C MET C 45 -8.65 10.02 9.84
N ASP C 46 -9.67 9.78 9.02
CA ASP C 46 -10.44 10.87 8.43
C ASP C 46 -11.94 10.81 8.73
N THR C 47 -12.56 9.65 8.48
CA THR C 47 -14.00 9.52 8.54
C THR C 47 -14.52 9.96 9.90
N GLU C 48 -15.57 10.78 9.88
CA GLU C 48 -16.18 11.31 11.10
C GLU C 48 -15.18 11.81 12.13
N GLY C 49 -14.10 12.43 11.68
CA GLY C 49 -13.08 12.92 12.59
C GLY C 49 -11.97 11.92 12.83
N GLY C 50 -12.05 10.76 12.19
CA GLY C 50 -10.99 9.75 12.25
C GLY C 50 -10.80 9.00 13.56
N GLY C 51 -10.03 7.92 13.50
CA GLY C 51 -9.76 7.11 14.67
C GLY C 51 -10.52 5.80 14.66
N TRP C 52 -10.99 5.40 13.48
CA TRP C 52 -11.70 4.14 13.25
C TRP C 52 -10.76 2.98 12.87
N LEU C 53 -10.87 1.90 13.61
CA LEU C 53 -10.24 0.65 13.29
C LEU C 53 -11.13 -0.15 12.35
N VAL C 54 -10.70 -0.29 11.08
CA VAL C 54 -11.43 -1.08 10.09
C VAL C 54 -11.08 -2.57 10.21
N PHE C 55 -12.06 -3.41 10.55
CA PHE C 55 -11.83 -4.84 10.74
C PHE C 55 -12.32 -5.71 9.60
N GLN C 56 -12.97 -5.09 8.63
CA GLN C 56 -13.52 -5.81 7.49
C GLN C 56 -13.60 -4.88 6.30
N ARG C 57 -13.20 -5.37 5.14
CA ARG C 57 -13.29 -4.56 3.95
C ARG C 57 -13.58 -5.43 2.73
N ARG C 58 -14.62 -5.06 2.00
CA ARG C 58 -14.94 -5.70 0.72
C ARG C 58 -14.87 -4.71 -0.42
N GLN C 59 -14.40 -5.19 -1.58
CA GLN C 59 -14.21 -4.39 -2.78
C GLN C 59 -13.55 -5.35 -3.77
N ASP C 60 -13.82 -5.20 -5.06
CA ASP C 60 -13.18 -6.06 -6.10
C ASP C 60 -13.43 -7.58 -6.09
N GLY C 61 -13.43 -8.22 -4.93
CA GLY C 61 -13.72 -9.68 -4.88
C GLY C 61 -12.52 -10.59 -5.12
N SER C 62 -11.33 -10.03 -4.94
CA SER C 62 -10.09 -10.79 -5.08
C SER C 62 -9.84 -11.76 -3.92
N VAL C 63 -10.61 -11.66 -2.85
CA VAL C 63 -10.36 -12.49 -1.68
C VAL C 63 -11.55 -13.38 -1.38
N ASP C 64 -11.25 -14.66 -1.22
CA ASP C 64 -12.24 -15.66 -0.91
C ASP C 64 -12.67 -15.48 0.53
N PHE C 65 -13.98 -15.36 0.76
CA PHE C 65 -14.54 -15.17 2.10
C PHE C 65 -15.32 -16.38 2.61
N PHE C 66 -15.29 -17.48 1.87
CA PHE C 66 -15.96 -18.71 2.30
C PHE C 66 -14.94 -19.56 3.06
N ARG C 67 -14.78 -19.28 4.35
CA ARG C 67 -13.65 -19.83 5.09
C ARG C 67 -14.07 -20.54 6.37
N SER C 68 -13.14 -21.31 6.91
CA SER C 68 -13.34 -22.13 8.09
C SER C 68 -13.45 -21.32 9.39
N TRP C 69 -13.90 -22.00 10.45
CA TRP C 69 -13.92 -21.43 11.78
C TRP C 69 -12.57 -20.83 12.14
N SER C 70 -11.52 -21.62 11.96
CA SER C 70 -10.17 -21.22 12.36
C SER C 70 -9.59 -20.06 11.52
N SER C 71 -10.05 -19.94 10.28
CA SER C 71 -9.65 -18.84 9.42
C SER C 71 -10.27 -17.54 9.91
N TYR C 72 -11.59 -17.58 10.16
CA TYR C 72 -12.31 -16.44 10.69
C TYR C 72 -11.78 -16.07 12.06
N ARG C 73 -11.32 -17.05 12.82
CA ARG C 73 -10.73 -16.79 14.13
C ARG C 73 -9.44 -15.99 13.99
N ALA C 74 -8.62 -16.37 13.02
CA ALA C 74 -7.27 -15.83 12.90
C ALA C 74 -7.25 -14.58 12.01
N GLY C 75 -8.20 -14.48 11.09
CA GLY C 75 -8.23 -13.38 10.13
C GLY C 75 -7.55 -13.80 8.83
N PHE C 76 -7.86 -13.10 7.74
CA PHE C 76 -7.33 -13.47 6.43
C PHE C 76 -7.52 -12.36 5.43
N GLY C 77 -6.80 -12.46 4.29
CA GLY C 77 -6.89 -11.44 3.26
C GLY C 77 -5.62 -10.63 3.06
N ASN C 78 -5.81 -9.43 2.50
CA ASN C 78 -4.71 -8.65 1.96
C ASN C 78 -4.80 -7.22 2.45
N GLN C 79 -3.69 -6.71 2.96
CA GLN C 79 -3.66 -5.35 3.49
C GLN C 79 -4.05 -4.37 2.39
N GLU C 80 -3.59 -4.65 1.18
CA GLU C 80 -3.91 -3.84 0.00
C GLU C 80 -5.39 -3.80 -0.40
N SER C 81 -6.19 -4.78 -0.01
CA SER C 81 -7.52 -4.93 -0.63
C SER C 81 -8.68 -5.35 0.26
N GLU C 82 -8.92 -6.66 0.37
CA GLU C 82 -10.06 -7.13 1.17
C GLU C 82 -9.55 -7.98 2.31
N PHE C 83 -10.23 -7.95 3.45
CA PHE C 83 -9.81 -8.73 4.63
C PHE C 83 -10.88 -8.92 5.70
N TRP C 84 -10.59 -9.84 6.62
CA TRP C 84 -11.32 -10.02 7.85
C TRP C 84 -10.24 -10.08 8.92
N LEU C 85 -10.31 -9.18 9.90
CA LEU C 85 -9.20 -8.99 10.86
C LEU C 85 -8.99 -10.17 11.81
N GLY C 86 -10.08 -10.87 12.15
CA GLY C 86 -9.99 -12.06 12.99
C GLY C 86 -10.86 -11.98 14.23
N ASN C 87 -11.68 -13.01 14.44
CA ASN C 87 -12.60 -13.04 15.57
C ASN C 87 -11.90 -12.99 16.90
N GLU C 88 -10.79 -13.71 17.00
CA GLU C 88 -10.01 -13.69 18.21
C GLU C 88 -9.44 -12.31 18.47
N ASN C 89 -8.90 -11.68 17.43
CA ASN C 89 -8.42 -10.30 17.52
C ASN C 89 -9.50 -9.35 18.01
N LEU C 90 -10.64 -9.39 17.36
CA LEU C 90 -11.79 -8.58 17.73
C LEU C 90 -12.24 -8.82 19.19
N HIS C 91 -12.36 -10.10 19.57
CA HIS C 91 -12.66 -10.45 20.97
C HIS C 91 -11.64 -9.82 21.94
N GLN C 92 -10.36 -9.93 21.64
CA GLN C 92 -9.32 -9.36 22.51
C GLN C 92 -9.44 -7.83 22.62
N LEU C 93 -9.55 -7.17 21.48
CA LEU C 93 -9.74 -5.72 21.44
C LEU C 93 -10.92 -5.25 22.27
N THR C 94 -11.95 -6.09 22.25
CA THR C 94 -13.29 -5.65 22.54
C THR C 94 -13.70 -6.13 23.94
N LEU C 95 -12.72 -6.55 24.73
CA LEU C 95 -12.99 -7.01 26.08
C LEU C 95 -12.81 -5.89 27.09
N GLN C 96 -12.02 -4.89 26.69
CA GLN C 96 -12.01 -3.61 27.40
C GLN C 96 -12.60 -2.58 26.46
N GLY C 97 -13.51 -1.79 26.99
CA GLY C 97 -14.75 -1.49 26.27
C GLY C 97 -14.91 -0.27 25.41
N ASN C 98 -16.18 0.03 25.14
CA ASN C 98 -16.61 1.23 24.45
C ASN C 98 -16.12 1.29 23.01
N TRP C 99 -16.63 0.40 22.17
CA TRP C 99 -16.34 0.48 20.74
C TRP C 99 -17.64 0.63 19.99
N GLU C 100 -17.85 1.81 19.42
CA GLU C 100 -18.96 2.04 18.52
C GLU C 100 -18.66 1.36 17.19
N LEU C 101 -19.69 0.74 16.59
CA LEU C 101 -19.58 0.14 15.26
C LEU C 101 -20.18 1.05 14.19
N ARG C 102 -19.47 1.17 13.07
CA ARG C 102 -19.95 1.88 11.91
C ARG C 102 -19.81 0.97 10.70
N VAL C 103 -20.90 0.79 9.97
CA VAL C 103 -20.87 0.02 8.72
C VAL C 103 -21.10 0.96 7.54
N GLU C 104 -20.24 0.84 6.52
CA GLU C 104 -20.30 1.65 5.32
C GLU C 104 -20.58 0.74 4.13
N LEU C 105 -21.57 1.13 3.33
CA LEU C 105 -21.99 0.32 2.17
C LEU C 105 -22.00 1.19 0.92
N GLU C 106 -21.56 0.62 -0.19
CA GLU C 106 -21.55 1.35 -1.47
C GLU C 106 -22.06 0.49 -2.62
N ASP C 107 -23.20 0.91 -3.20
CA ASP C 107 -23.77 0.22 -4.36
C ASP C 107 -22.93 0.41 -5.62
N PHE C 108 -23.43 -0.09 -6.75
CA PHE C 108 -22.62 -0.21 -7.95
C PHE C 108 -22.40 1.07 -8.77
N ASN C 109 -23.06 2.16 -8.38
CA ASN C 109 -22.83 3.44 -9.03
C ASN C 109 -21.99 4.35 -8.13
N GLY C 110 -22.11 4.14 -6.82
CA GLY C 110 -21.31 4.90 -5.88
C GLY C 110 -22.11 5.59 -4.80
N ASN C 111 -23.36 5.20 -4.64
CA ASN C 111 -24.16 5.68 -3.52
C ASN C 111 -23.71 5.00 -2.21
N ARG C 112 -23.27 5.81 -1.26
CA ARG C 112 -22.82 5.30 0.04
C ARG C 112 -23.91 5.38 1.11
N THR C 113 -24.05 4.30 1.85
CA THR C 113 -24.99 4.24 2.98
C THR C 113 -24.25 3.80 4.26
N PHE C 114 -24.90 3.98 5.42
CA PHE C 114 -24.25 3.78 6.72
C PHE C 114 -25.18 3.24 7.79
N ALA C 115 -24.59 2.66 8.83
CA ALA C 115 -25.34 2.24 10.02
C ALA C 115 -24.41 2.30 11.24
N HIS C 116 -24.97 2.71 12.37
CA HIS C 116 -24.19 2.92 13.56
C HIS C 116 -24.87 2.24 14.73
N TYR C 117 -24.05 1.69 15.63
CA TYR C 117 -24.53 0.97 16.79
C TYR C 117 -23.66 1.42 17.96
N ALA C 118 -24.28 1.66 19.11
CA ALA C 118 -23.58 2.25 20.25
C ALA C 118 -22.33 1.49 20.70
N THR C 119 -22.41 0.16 20.73
CA THR C 119 -21.30 -0.67 21.15
C THR C 119 -21.21 -1.95 20.32
N PHE C 120 -20.05 -2.60 20.38
CA PHE C 120 -19.77 -3.81 19.64
C PHE C 120 -18.76 -4.61 20.46
N ARG C 121 -19.02 -5.90 20.62
CA ARG C 121 -18.16 -6.76 21.41
C ARG C 121 -18.34 -8.19 20.95
N LEU C 122 -17.25 -8.94 20.97
CA LEU C 122 -17.32 -10.36 20.63
C LEU C 122 -16.92 -11.12 21.87
N LEU C 123 -17.71 -12.12 22.22
CA LEU C 123 -17.38 -13.03 23.32
C LEU C 123 -16.30 -14.00 22.86
N GLY C 124 -15.82 -14.84 23.78
CA GLY C 124 -14.69 -15.72 23.51
C GLY C 124 -15.02 -16.89 22.61
N GLU C 125 -14.01 -17.72 22.33
CA GLU C 125 -14.24 -18.85 21.44
C GLU C 125 -15.21 -19.86 22.07
N VAL C 126 -15.13 -20.05 23.38
CA VAL C 126 -15.99 -21.03 24.04
C VAL C 126 -17.44 -20.61 23.81
N ASP C 127 -17.67 -19.30 23.72
CA ASP C 127 -19.00 -18.75 23.42
C ASP C 127 -19.19 -18.50 21.94
N HIS C 128 -18.32 -19.10 21.12
CA HIS C 128 -18.45 -19.03 19.66
C HIS C 128 -18.38 -17.61 19.09
N TYR C 129 -17.64 -16.73 19.73
CA TYR C 129 -17.46 -15.37 19.19
C TYR C 129 -18.83 -14.69 18.98
N GLN C 130 -19.76 -15.04 19.85
CA GLN C 130 -21.10 -14.45 19.91
C GLN C 130 -21.12 -12.92 19.82
N LEU C 131 -21.97 -12.38 18.96
CA LEU C 131 -22.09 -10.92 18.80
C LEU C 131 -22.81 -10.28 20.00
N ALA C 132 -22.16 -9.32 20.65
CA ALA C 132 -22.81 -8.48 21.66
C ALA C 132 -22.91 -7.04 21.14
N LEU C 133 -24.07 -6.67 20.59
CA LEU C 133 -24.22 -5.41 19.88
C LEU C 133 -25.09 -4.40 20.64
N GLY C 134 -24.60 -3.18 20.82
CA GLY C 134 -25.41 -2.10 21.41
C GLY C 134 -26.52 -1.62 20.48
N LYS C 135 -27.27 -0.61 20.90
CA LYS C 135 -28.42 -0.14 20.10
C LYS C 135 -28.06 0.64 18.82
N PHE C 136 -28.86 0.42 17.77
CA PHE C 136 -28.76 1.13 16.49
C PHE C 136 -29.12 2.60 16.69
N SER C 137 -28.16 3.48 16.41
CA SER C 137 -28.32 4.90 16.76
C SER C 137 -28.87 5.70 15.60
N GLU C 138 -28.34 5.45 14.41
CA GLU C 138 -28.82 6.10 13.18
C GLU C 138 -28.09 5.51 12.00
N GLY C 139 -28.69 5.62 10.81
CA GLY C 139 -28.02 5.15 9.60
C GLY C 139 -28.91 5.07 8.37
N THR C 140 -28.44 5.72 7.30
CA THR C 140 -29.14 5.75 6.03
C THR C 140 -29.34 4.37 5.40
N ALA C 141 -28.60 3.38 5.89
CA ALA C 141 -28.77 2.02 5.40
C ALA C 141 -29.87 1.28 6.16
N GLY C 142 -30.22 1.80 7.34
CA GLY C 142 -31.15 1.13 8.23
C GLY C 142 -30.51 0.00 9.02
N ASP C 143 -31.23 -0.52 9.99
CA ASP C 143 -30.72 -1.61 10.83
C ASP C 143 -30.87 -2.99 10.16
N SER C 144 -29.75 -3.71 10.06
CA SER C 144 -29.79 -5.11 9.64
C SER C 144 -28.87 -6.00 10.45
N LEU C 145 -28.53 -5.57 11.67
CA LEU C 145 -27.60 -6.33 12.50
C LEU C 145 -28.14 -6.58 13.91
N SER C 146 -29.19 -5.84 14.26
CA SER C 146 -29.81 -6.01 15.57
C SER C 146 -30.32 -7.43 15.79
N LEU C 147 -30.77 -8.06 14.70
CA LEU C 147 -31.26 -9.43 14.74
C LEU C 147 -30.16 -10.45 15.01
N HIS C 148 -28.92 -10.08 14.72
CA HIS C 148 -27.80 -11.01 14.85
C HIS C 148 -27.10 -10.87 16.20
N SER C 149 -27.44 -9.81 16.92
CA SER C 149 -26.90 -9.62 18.24
C SER C 149 -27.29 -10.83 19.12
N GLY C 150 -26.39 -11.23 20.03
CA GLY C 150 -26.59 -12.37 20.91
C GLY C 150 -26.46 -13.74 20.28
N ARG C 151 -26.26 -13.78 18.96
CA ARG C 151 -26.09 -15.07 18.29
C ARG C 151 -24.61 -15.45 18.14
N PRO C 152 -24.34 -16.76 18.08
CA PRO C 152 -22.99 -17.26 17.83
C PRO C 152 -22.61 -17.07 16.37
N PHE C 153 -21.31 -16.92 16.12
CA PHE C 153 -20.79 -16.86 14.76
C PHE C 153 -20.89 -18.26 14.16
N THR C 154 -21.15 -18.38 12.86
CA THR C 154 -21.06 -19.70 12.23
C THR C 154 -20.35 -19.70 10.87
N THR C 155 -19.67 -20.79 10.59
CA THR C 155 -18.96 -20.97 9.33
C THR C 155 -19.38 -22.31 8.75
N TYR C 156 -18.89 -22.64 7.56
CA TYR C 156 -19.35 -23.85 6.87
C TYR C 156 -19.03 -25.13 7.64
N ASP C 157 -17.94 -25.10 8.42
CA ASP C 157 -17.51 -26.25 9.19
C ASP C 157 -17.85 -26.13 10.67
N ALA C 158 -18.55 -25.07 11.04
CA ALA C 158 -19.04 -24.92 12.40
C ALA C 158 -20.42 -24.26 12.37
N ASP C 159 -21.46 -25.09 12.40
CA ASP C 159 -22.82 -24.60 12.29
C ASP C 159 -23.45 -24.40 13.66
N HIS C 160 -23.52 -23.14 14.11
CA HIS C 160 -24.11 -22.82 15.42
C HIS C 160 -25.46 -22.12 15.29
N ASP C 161 -26.00 -22.06 14.08
CA ASP C 161 -27.14 -21.17 13.80
C ASP C 161 -28.50 -21.71 14.26
N SER C 162 -29.52 -20.85 14.15
CA SER C 162 -30.84 -21.12 14.70
C SER C 162 -31.73 -21.80 13.67
N SER C 163 -31.12 -22.63 12.83
CA SER C 163 -31.84 -23.25 11.73
C SER C 163 -31.55 -24.75 11.67
N ASN C 164 -32.47 -25.50 11.06
CA ASN C 164 -32.26 -26.92 10.80
C ASN C 164 -31.29 -27.10 9.62
N SER C 165 -30.87 -25.99 9.03
CA SER C 165 -29.93 -26.03 7.90
C SER C 165 -28.61 -25.39 8.30
N ASN C 166 -27.65 -25.38 7.37
CA ASN C 166 -26.35 -24.74 7.59
C ASN C 166 -26.25 -23.41 6.85
N CYS C 167 -26.54 -22.32 7.55
CA CYS C 167 -26.68 -21.02 6.90
C CYS C 167 -25.41 -20.55 6.18
N ALA C 168 -24.24 -20.82 6.76
CA ALA C 168 -22.99 -20.46 6.11
C ALA C 168 -22.82 -21.10 4.73
N VAL C 169 -23.24 -22.36 4.60
CA VAL C 169 -23.18 -23.05 3.31
C VAL C 169 -24.32 -22.60 2.42
N ILE C 170 -25.52 -22.55 2.98
CA ILE C 170 -26.70 -22.12 2.23
C ILE C 170 -26.50 -20.76 1.54
N VAL C 171 -25.96 -19.78 2.28
CA VAL C 171 -25.78 -18.43 1.74
C VAL C 171 -24.34 -18.13 1.31
N HIS C 172 -23.46 -19.12 1.49
CA HIS C 172 -22.04 -19.00 1.10
C HIS C 172 -21.32 -17.82 1.76
N GLY C 173 -21.29 -17.85 3.10
CA GLY C 173 -20.58 -16.86 3.87
C GLY C 173 -20.22 -17.34 5.26
N ALA C 174 -20.18 -16.40 6.20
CA ALA C 174 -19.88 -16.68 7.58
C ALA C 174 -20.36 -15.44 8.33
N TRP C 175 -21.08 -15.63 9.43
CA TRP C 175 -21.77 -14.52 10.10
C TRP C 175 -22.39 -15.05 11.37
N TRP C 176 -22.97 -14.15 12.18
CA TRP C 176 -23.72 -14.59 13.34
C TRP C 176 -25.15 -14.93 12.89
N TYR C 177 -25.25 -15.86 11.96
CA TYR C 177 -26.54 -16.22 11.36
C TYR C 177 -27.63 -16.59 12.39
N ALA C 178 -28.89 -16.34 12.01
CA ALA C 178 -30.04 -16.78 12.80
C ALA C 178 -30.67 -17.99 12.07
N SER C 179 -31.84 -17.70 11.44
CA SER C 179 -32.30 -18.61 10.39
C SER C 179 -31.76 -17.83 9.20
N CYS C 180 -30.45 -17.94 9.05
CA CYS C 180 -29.69 -17.09 8.12
C CYS C 180 -29.72 -15.59 8.50
N TYR C 181 -30.05 -14.70 7.57
CA TYR C 181 -29.67 -13.30 7.79
C TYR C 181 -30.64 -12.13 7.50
N ARG C 182 -30.33 -10.99 8.10
CA ARG C 182 -30.75 -9.70 7.59
C ARG C 182 -29.52 -8.94 7.08
N SER C 183 -28.33 -9.47 7.40
CA SER C 183 -27.07 -8.97 6.84
C SER C 183 -26.12 -10.13 6.50
N ASN C 184 -25.41 -9.99 5.40
CA ASN C 184 -24.54 -11.05 4.90
C ASN C 184 -23.25 -10.48 4.31
N LEU C 185 -22.56 -9.63 5.08
CA LEU C 185 -21.47 -8.82 4.52
C LEU C 185 -20.21 -9.60 4.15
N ASN C 186 -19.98 -10.74 4.78
CA ASN C 186 -18.89 -11.63 4.39
C ASN C 186 -19.33 -12.65 3.33
N GLY C 187 -20.42 -12.31 2.62
CA GLY C 187 -20.96 -13.19 1.59
C GLY C 187 -20.25 -13.08 0.25
N ARG C 188 -20.58 -13.99 -0.68
CA ARG C 188 -19.88 -14.10 -1.97
C ARG C 188 -19.88 -12.79 -2.76
N TYR C 189 -18.77 -12.50 -3.45
CA TYR C 189 -18.66 -11.23 -4.17
C TYR C 189 -19.22 -11.23 -5.59
N ALA C 190 -20.05 -10.22 -5.88
CA ALA C 190 -20.57 -10.00 -7.23
C ALA C 190 -19.97 -8.72 -7.84
N VAL C 191 -19.26 -8.90 -8.95
CA VAL C 191 -18.64 -7.81 -9.69
C VAL C 191 -19.65 -6.80 -10.24
N SER C 192 -20.89 -7.25 -10.45
CA SER C 192 -21.95 -6.42 -11.02
C SER C 192 -23.29 -6.90 -10.54
N GLU C 193 -24.62 -6.46 -10.79
CA GLU C 193 -25.87 -7.19 -10.85
C GLU C 193 -25.94 -8.06 -12.11
N ALA C 194 -25.86 -7.18 -12.42
CA ALA C 194 -26.22 -8.11 -13.48
C ALA C 194 -25.86 -9.53 -13.05
N ALA C 195 -24.64 -9.70 -12.58
CA ALA C 195 -24.16 -11.01 -12.12
C ALA C 195 -24.23 -11.14 -10.61
N ALA C 196 -25.39 -10.80 -10.04
CA ALA C 196 -25.60 -10.90 -8.60
C ALA C 196 -25.77 -12.34 -8.12
N HIS C 197 -26.26 -12.51 -6.90
CA HIS C 197 -26.44 -13.84 -6.32
C HIS C 197 -27.73 -13.88 -5.50
N LYS C 198 -28.41 -15.03 -5.51
CA LYS C 198 -29.59 -15.20 -4.68
C LYS C 198 -29.26 -14.68 -3.28
N TYR C 199 -28.10 -15.09 -2.77
CA TYR C 199 -27.59 -14.58 -1.49
C TYR C 199 -26.18 -14.02 -1.69
N GLY C 200 -25.99 -12.77 -1.31
CA GLY C 200 -24.69 -12.10 -1.47
C GLY C 200 -24.43 -11.05 -0.41
N ILE C 201 -23.51 -10.13 -0.70
CA ILE C 201 -23.14 -9.08 0.26
C ILE C 201 -24.33 -8.14 0.44
N ASP C 202 -25.22 -8.54 1.34
CA ASP C 202 -26.53 -7.92 1.47
C ASP C 202 -26.74 -7.24 2.80
N TRP C 203 -27.66 -6.30 2.79
CA TRP C 203 -28.11 -5.57 3.96
C TRP C 203 -29.57 -5.39 3.61
N ALA C 204 -30.44 -6.08 4.35
CA ALA C 204 -31.85 -6.21 3.97
C ALA C 204 -32.60 -4.88 4.03
N SER C 205 -32.37 -4.12 5.09
CA SER C 205 -32.99 -2.81 5.25
C SER C 205 -32.48 -1.79 4.24
N GLY C 206 -31.53 -2.20 3.41
CA GLY C 206 -31.04 -1.34 2.33
C GLY C 206 -31.33 -1.99 0.99
N ARG C 207 -30.44 -1.81 0.02
CA ARG C 207 -30.60 -2.42 -1.28
C ARG C 207 -31.33 -3.77 -1.23
N GLY C 208 -31.11 -4.52 -0.15
CA GLY C 208 -31.89 -5.73 0.12
C GLY C 208 -31.31 -7.02 -0.39
N VAL C 209 -31.83 -8.14 0.11
CA VAL C 209 -31.36 -9.46 -0.29
C VAL C 209 -31.44 -9.63 -1.80
N GLY C 210 -30.36 -10.13 -2.40
CA GLY C 210 -30.32 -10.33 -3.85
C GLY C 210 -29.82 -9.10 -4.57
N HIS C 211 -29.59 -8.02 -3.82
CA HIS C 211 -29.06 -6.79 -4.39
C HIS C 211 -27.88 -6.30 -3.57
N PRO C 212 -26.68 -6.72 -3.99
CA PRO C 212 -25.43 -6.56 -3.28
C PRO C 212 -24.81 -5.18 -3.39
N TYR C 213 -23.76 -4.96 -2.61
CA TYR C 213 -22.99 -3.74 -2.70
C TYR C 213 -21.65 -4.06 -3.35
N ARG C 214 -20.99 -3.01 -3.82
CA ARG C 214 -19.69 -3.16 -4.47
C ARG C 214 -18.57 -3.03 -3.43
N ARG C 215 -18.77 -2.12 -2.48
CA ARG C 215 -17.77 -1.85 -1.46
C ARG C 215 -18.43 -1.88 -0.09
N VAL C 216 -17.65 -2.31 0.91
CA VAL C 216 -18.15 -2.42 2.28
C VAL C 216 -16.98 -2.28 3.25
N ARG C 217 -17.20 -1.61 4.38
CA ARG C 217 -16.24 -1.62 5.48
C ARG C 217 -16.97 -1.73 6.79
N MET C 218 -16.35 -2.39 7.77
CA MET C 218 -16.87 -2.42 9.13
C MET C 218 -15.78 -1.91 10.06
N MET C 219 -16.12 -0.93 10.89
CA MET C 219 -15.08 -0.26 11.63
C MET C 219 -15.53 0.07 13.03
N LEU C 220 -14.56 0.17 13.94
CA LEU C 220 -14.79 0.41 15.35
C LEU C 220 -14.03 1.66 15.85
N ARG C 221 -14.68 2.42 16.71
CA ARG C 221 -14.03 3.53 17.38
C ARG C 221 -14.54 3.66 18.80
CA CA D . -6.52 38.15 2.51
CA CA E . 30.30 -12.82 -21.01
CA CA F . -28.07 -25.24 11.61
#